data_4NM5
#
_entry.id   4NM5
#
_cell.length_a   81.727
_cell.length_b   81.727
_cell.length_c   280.937
_cell.angle_alpha   90.00
_cell.angle_beta   90.00
_cell.angle_gamma   120.00
#
_symmetry.space_group_name_H-M   'P 61 2 2'
#
loop_
_entity.id
_entity.type
_entity.pdbx_description
1 polymer 'GSK3B protein'
2 polymer Axin-1
3 polymer 'Phosphorylated Wnt receptor LRP6 c-motif'
4 non-polymer "ADENOSINE-5'-DIPHOSPHATE"
5 non-polymer GLYCEROL
6 non-polymer 'MAGNESIUM ION'
7 non-polymer 'CHLORIDE ION'
8 water water
#
loop_
_entity_poly.entity_id
_entity_poly.type
_entity_poly.pdbx_seq_one_letter_code
_entity_poly.pdbx_strand_id
1 'polypeptide(L)'
;SCKPVQQPSAFGSMKVSRDKDGSKVTTVVATPGQGPDRPQEVSYTDTKVIGNGSFGVVYQAKLCDSGELVAIKKVLQDKR
FKNRELQIMRKLDHCNIVRLRYFFYSSGEKKDEVYLNLVLDYVPETVYRVARHYSRAKQTLPVIYVKLYMYQLFRSLAYI
HSFGICHRDIKPQNLLLDPDTAVLKLCDFGSAKQLVRGEPNVSYICSRYYRAPELIFGATDYTSSIDVWSAGCVLAELLL
GQPIFPGDSGVDQLVEIIKVLGTPTREQIREMNPNYTEFKFPQIKAHPWTKVFRPRTPPEAIALCSRLLEYTPTARLTPL
EACAHSFFDELRDPNVKLPNGRDTPALFNFTTQELSSNPPLATILIPPHARHHHHHH
;
A
2 'polypeptide(L)' GGILVEPQKFAEELIHRLEAVQRT B
3 'polypeptide(L)' MPPPP(TPO)PRS C
#
# COMPACT_ATOMS: atom_id res chain seq x y z
N GLY A 12 -31.58 4.13 -4.06
CA GLY A 12 -31.35 3.26 -5.19
C GLY A 12 -32.25 2.05 -5.21
N SER A 13 -32.70 1.65 -6.40
CA SER A 13 -33.57 0.51 -6.55
C SER A 13 -32.81 -0.81 -6.40
N MET A 14 -33.28 -1.65 -5.47
CA MET A 14 -32.64 -2.94 -5.21
C MET A 14 -33.68 -4.03 -5.01
N LYS A 15 -33.92 -4.82 -6.05
CA LYS A 15 -34.89 -5.90 -5.99
C LYS A 15 -34.34 -7.10 -5.21
N VAL A 16 -34.96 -7.40 -4.08
CA VAL A 16 -34.56 -8.53 -3.25
C VAL A 16 -35.56 -9.66 -3.34
N SER A 17 -35.11 -10.83 -3.79
CA SER A 17 -35.99 -11.98 -3.98
C SER A 17 -35.31 -13.29 -3.61
N ARG A 18 -36.01 -14.40 -3.82
CA ARG A 18 -35.47 -15.73 -3.59
C ARG A 18 -35.54 -16.53 -4.89
N ASP A 19 -34.63 -17.49 -5.06
CA ASP A 19 -34.58 -18.25 -6.31
C ASP A 19 -34.02 -19.66 -6.19
N LYS A 20 -34.82 -20.63 -6.61
CA LYS A 20 -34.37 -22.01 -6.84
C LYS A 20 -33.97 -22.84 -5.62
N ASP A 21 -33.77 -22.18 -4.47
CA ASP A 21 -33.34 -22.90 -3.28
C ASP A 21 -33.71 -22.17 -1.99
N GLY A 22 -34.48 -21.09 -2.12
CA GLY A 22 -34.83 -20.26 -0.98
C GLY A 22 -33.71 -19.31 -0.65
N SER A 23 -32.61 -19.41 -1.40
CA SER A 23 -31.46 -18.54 -1.21
C SER A 23 -31.79 -17.12 -1.65
N LYS A 24 -31.60 -16.16 -0.75
CA LYS A 24 -31.88 -14.76 -1.03
C LYS A 24 -31.00 -14.24 -2.16
N VAL A 25 -31.64 -13.64 -3.17
CA VAL A 25 -30.92 -13.08 -4.30
C VAL A 25 -31.14 -11.57 -4.40
N THR A 26 -30.04 -10.83 -4.45
CA THR A 26 -30.10 -9.38 -4.58
C THR A 26 -29.80 -8.96 -6.01
N THR A 27 -30.69 -8.16 -6.60
CA THR A 27 -30.50 -7.67 -7.96
C THR A 27 -30.38 -6.15 -7.99
N VAL A 28 -29.31 -5.66 -8.61
CA VAL A 28 -29.08 -4.22 -8.73
C VAL A 28 -28.66 -3.88 -10.16
N VAL A 29 -28.77 -2.61 -10.52
CA VAL A 29 -28.25 -2.14 -11.79
C VAL A 29 -26.91 -1.45 -11.54
N ALA A 30 -25.83 -2.14 -11.87
CA ALA A 30 -24.50 -1.67 -11.53
C ALA A 30 -23.69 -1.24 -12.76
N THR A 31 -22.87 -0.22 -12.57
CA THR A 31 -22.01 0.29 -13.64
C THR A 31 -20.66 -0.41 -13.61
N PRO A 32 -20.24 -0.97 -14.75
CA PRO A 32 -18.93 -1.64 -14.87
C PRO A 32 -17.78 -0.69 -14.55
N GLY A 33 -16.69 -1.23 -14.00
CA GLY A 33 -15.55 -0.43 -13.61
C GLY A 33 -14.84 0.24 -14.77
N GLN A 34 -14.71 -0.46 -15.89
CA GLN A 34 -13.98 0.04 -17.04
C GLN A 34 -14.90 0.50 -18.17
N GLY A 35 -14.34 1.23 -19.13
CA GLY A 35 -15.09 1.68 -20.30
C GLY A 35 -16.18 2.70 -19.98
N PRO A 36 -16.93 3.11 -21.00
CA PRO A 36 -18.04 4.06 -20.85
C PRO A 36 -19.14 3.50 -19.94
N ASP A 37 -19.86 4.39 -19.26
CA ASP A 37 -20.91 3.98 -18.34
C ASP A 37 -22.06 3.28 -19.06
N ARG A 38 -22.06 1.96 -18.97
CA ARG A 38 -23.14 1.16 -19.52
C ARG A 38 -23.60 0.17 -18.46
N PRO A 39 -24.43 0.64 -17.53
CA PRO A 39 -24.87 -0.17 -16.38
C PRO A 39 -25.66 -1.39 -16.82
N GLN A 40 -25.48 -2.50 -16.11
CA GLN A 40 -26.19 -3.73 -16.42
C GLN A 40 -26.71 -4.37 -15.14
N GLU A 41 -27.74 -5.19 -15.27
CA GLU A 41 -28.29 -5.90 -14.13
C GLU A 41 -27.29 -6.91 -13.58
N VAL A 42 -27.03 -6.83 -12.28
CA VAL A 42 -26.12 -7.75 -11.61
C VAL A 42 -26.83 -8.41 -10.44
N SER A 43 -26.82 -9.74 -10.43
CA SER A 43 -27.45 -10.50 -9.36
C SER A 43 -26.40 -11.23 -8.53
N TYR A 44 -26.54 -11.16 -7.21
CA TYR A 44 -25.63 -11.89 -6.32
C TYR A 44 -26.36 -12.49 -5.12
N THR A 45 -25.70 -13.46 -4.48
CA THR A 45 -26.28 -14.18 -3.35
C THR A 45 -25.20 -14.50 -2.32
N ASP A 46 -25.58 -15.23 -1.28
CA ASP A 46 -24.66 -15.63 -0.22
C ASP A 46 -23.92 -14.45 0.40
N THR A 47 -24.66 -13.40 0.72
CA THR A 47 -24.06 -12.19 1.27
C THR A 47 -23.72 -12.36 2.75
N LYS A 48 -22.48 -12.04 3.10
CA LYS A 48 -22.04 -12.07 4.49
C LYS A 48 -20.95 -11.03 4.74
N VAL A 49 -20.99 -10.42 5.92
CA VAL A 49 -20.00 -9.41 6.29
C VAL A 49 -18.66 -10.06 6.57
N ILE A 50 -17.62 -9.59 5.88
CA ILE A 50 -16.28 -10.09 6.10
C ILE A 50 -15.35 -9.00 6.62
N GLY A 51 -15.88 -7.79 6.70
CA GLY A 51 -15.14 -6.64 7.20
C GLY A 51 -16.07 -5.54 7.63
N ASN A 52 -15.70 -4.82 8.68
CA ASN A 52 -16.53 -3.74 9.19
C ASN A 52 -15.70 -2.68 9.92
N GLY A 53 -16.12 -1.42 9.78
CA GLY A 53 -15.42 -0.31 10.41
C GLY A 53 -16.19 0.99 10.30
N SER A 54 -15.55 2.08 10.68
CA SER A 54 -16.18 3.40 10.63
C SER A 54 -16.30 3.93 9.20
N PHE A 55 -15.54 3.32 8.29
CA PHE A 55 -15.60 3.68 6.88
C PHE A 55 -16.91 3.19 6.26
N GLY A 56 -17.37 2.03 6.74
CA GLY A 56 -18.53 1.38 6.19
C GLY A 56 -18.46 -0.12 6.43
N VAL A 57 -19.02 -0.90 5.52
CA VAL A 57 -19.05 -2.35 5.66
C VAL A 57 -18.48 -3.02 4.41
N VAL A 58 -17.83 -4.16 4.59
CA VAL A 58 -17.39 -4.97 3.45
C VAL A 58 -18.06 -6.34 3.48
N TYR A 59 -18.77 -6.66 2.40
CA TYR A 59 -19.47 -7.93 2.30
C TYR A 59 -18.77 -8.86 1.31
N GLN A 60 -18.92 -10.16 1.51
CA GLN A 60 -18.58 -11.12 0.48
C GLN A 60 -19.88 -11.58 -0.16
N ALA A 61 -19.87 -11.80 -1.48
CA ALA A 61 -21.05 -12.28 -2.17
C ALA A 61 -20.66 -13.13 -3.38
N LYS A 62 -21.65 -13.84 -3.92
CA LYS A 62 -21.41 -14.71 -5.06
C LYS A 62 -22.27 -14.26 -6.24
N LEU A 63 -21.63 -13.89 -7.34
CA LEU A 63 -22.36 -13.51 -8.54
C LEU A 63 -23.16 -14.69 -9.07
N CYS A 64 -24.46 -14.48 -9.27
CA CYS A 64 -25.37 -15.55 -9.67
C CYS A 64 -25.00 -16.17 -11.01
N ASP A 65 -24.49 -15.35 -11.92
CA ASP A 65 -24.14 -15.83 -13.26
C ASP A 65 -22.91 -16.71 -13.27
N SER A 66 -21.76 -16.12 -12.92
CA SER A 66 -20.48 -16.82 -13.03
C SER A 66 -20.18 -17.70 -11.81
N GLY A 67 -20.80 -17.40 -10.68
CA GLY A 67 -20.55 -18.13 -9.46
C GLY A 67 -19.28 -17.65 -8.76
N GLU A 68 -18.65 -16.63 -9.31
CA GLU A 68 -17.41 -16.10 -8.77
C GLU A 68 -17.66 -15.25 -7.52
N LEU A 69 -16.73 -15.33 -6.57
CA LEU A 69 -16.84 -14.57 -5.33
C LEU A 69 -16.37 -13.14 -5.52
N VAL A 70 -17.07 -12.20 -4.86
CA VAL A 70 -16.72 -10.80 -4.93
C VAL A 70 -16.79 -10.15 -3.55
N ALA A 71 -16.06 -9.05 -3.39
CA ALA A 71 -16.16 -8.26 -2.17
C ALA A 71 -16.93 -6.98 -2.49
N ILE A 72 -17.82 -6.59 -1.58
CA ILE A 72 -18.58 -5.37 -1.77
C ILE A 72 -18.26 -4.35 -0.69
N LYS A 73 -17.45 -3.36 -1.04
CA LYS A 73 -17.08 -2.31 -0.10
C LYS A 73 -18.15 -1.22 -0.12
N LYS A 74 -18.85 -1.10 1.00
CA LYS A 74 -19.97 -0.17 1.10
C LYS A 74 -19.61 1.02 1.99
N VAL A 75 -19.25 2.13 1.38
CA VAL A 75 -18.82 3.31 2.12
C VAL A 75 -19.83 4.44 2.05
N LEU A 76 -19.97 5.16 3.16
CA LEU A 76 -20.90 6.27 3.26
C LEU A 76 -20.38 7.51 2.54
N GLN A 77 -21.24 8.13 1.73
CA GLN A 77 -20.88 9.35 1.03
C GLN A 77 -20.68 10.51 1.99
N ASP A 78 -19.47 10.62 2.53
CA ASP A 78 -19.15 11.67 3.49
C ASP A 78 -18.81 12.98 2.80
N LYS A 79 -19.67 13.99 2.99
CA LYS A 79 -19.50 15.28 2.33
C LYS A 79 -18.42 16.14 2.99
N ARG A 80 -17.96 15.72 4.15
CA ARG A 80 -16.93 16.46 4.89
C ARG A 80 -15.59 16.43 4.19
N PHE A 81 -15.14 15.24 3.80
CA PHE A 81 -13.84 15.09 3.16
C PHE A 81 -13.96 14.82 1.66
N LYS A 82 -12.82 14.80 0.98
CA LYS A 82 -12.78 14.49 -0.45
C LYS A 82 -12.48 13.01 -0.65
N ASN A 83 -13.38 12.32 -1.36
CA ASN A 83 -13.14 10.92 -1.69
C ASN A 83 -12.98 10.72 -3.18
N ARG A 84 -11.79 10.30 -3.59
CA ARG A 84 -11.46 10.10 -4.99
C ARG A 84 -11.34 8.62 -5.30
N GLU A 85 -11.80 7.79 -4.36
CA GLU A 85 -11.62 6.34 -4.46
C GLU A 85 -12.25 5.77 -5.72
N LEU A 86 -13.48 6.17 -6.01
CA LEU A 86 -14.17 5.69 -7.20
C LEU A 86 -13.46 6.12 -8.48
N GLN A 87 -13.22 7.42 -8.62
CA GLN A 87 -12.63 7.96 -9.84
C GLN A 87 -11.22 7.42 -10.09
N ILE A 88 -10.51 7.08 -9.02
CA ILE A 88 -9.16 6.54 -9.15
C ILE A 88 -9.17 5.08 -9.58
N MET A 89 -10.03 4.28 -8.96
CA MET A 89 -10.11 2.86 -9.29
C MET A 89 -10.60 2.58 -10.71
N ARG A 90 -11.46 3.47 -11.22
CA ARG A 90 -12.04 3.27 -12.55
C ARG A 90 -11.00 3.34 -13.67
N LYS A 91 -9.91 4.06 -13.43
CA LYS A 91 -8.88 4.22 -14.44
C LYS A 91 -7.72 3.25 -14.25
N LEU A 92 -7.82 2.40 -13.23
CA LEU A 92 -6.76 1.44 -12.94
C LEU A 92 -7.04 0.08 -13.55
N ASP A 93 -6.01 -0.51 -14.16
CA ASP A 93 -6.11 -1.86 -14.72
C ASP A 93 -4.74 -2.50 -14.74
N HIS A 94 -4.44 -3.28 -13.70
CA HIS A 94 -3.13 -3.89 -13.54
C HIS A 94 -3.28 -5.20 -12.76
N CYS A 95 -2.39 -6.15 -13.01
CA CYS A 95 -2.50 -7.48 -12.42
C CYS A 95 -2.18 -7.52 -10.92
N ASN A 96 -1.58 -6.45 -10.41
CA ASN A 96 -1.24 -6.37 -8.99
C ASN A 96 -2.06 -5.32 -8.26
N ILE A 97 -3.20 -4.96 -8.83
CA ILE A 97 -4.15 -4.05 -8.21
C ILE A 97 -5.52 -4.72 -8.26
N VAL A 98 -6.24 -4.70 -7.14
CA VAL A 98 -7.54 -5.35 -7.08
C VAL A 98 -8.51 -4.71 -8.08
N ARG A 99 -9.21 -5.56 -8.83
CA ARG A 99 -10.07 -5.09 -9.90
C ARG A 99 -11.43 -4.60 -9.39
N LEU A 100 -11.87 -3.46 -9.91
CA LEU A 100 -13.21 -2.97 -9.65
C LEU A 100 -14.15 -3.47 -10.74
N ARG A 101 -14.95 -4.48 -10.41
CA ARG A 101 -15.87 -5.08 -11.38
C ARG A 101 -17.05 -4.16 -11.70
N TYR A 102 -17.77 -3.76 -10.65
CA TYR A 102 -18.92 -2.88 -10.81
C TYR A 102 -18.99 -1.92 -9.62
N PHE A 103 -19.81 -0.88 -9.77
CA PHE A 103 -20.15 -0.02 -8.64
C PHE A 103 -21.60 0.44 -8.77
N PHE A 104 -22.27 0.62 -7.63
CA PHE A 104 -23.65 1.08 -7.61
C PHE A 104 -23.96 1.83 -6.32
N TYR A 105 -25.05 2.60 -6.34
CA TYR A 105 -25.46 3.38 -5.18
C TYR A 105 -26.69 2.77 -4.53
N SER A 106 -26.76 2.87 -3.20
CA SER A 106 -27.88 2.32 -2.44
C SER A 106 -28.00 3.05 -1.11
N SER A 107 -29.02 2.68 -0.33
CA SER A 107 -29.21 3.21 1.01
C SER A 107 -28.58 2.27 2.03
N GLY A 108 -28.63 2.66 3.30
CA GLY A 108 -28.06 1.85 4.36
C GLY A 108 -28.66 2.12 5.72
N GLU A 109 -27.81 2.21 6.73
CA GLU A 109 -28.25 2.43 8.10
C GLU A 109 -28.80 3.84 8.30
N LYS A 110 -28.09 4.82 7.78
CA LYS A 110 -28.51 6.22 7.91
C LYS A 110 -29.74 6.52 7.07
N LYS A 111 -30.76 7.10 7.71
CA LYS A 111 -32.02 7.39 7.04
C LYS A 111 -31.87 8.44 5.94
N ASP A 112 -32.44 8.14 4.77
CA ASP A 112 -32.38 9.03 3.61
C ASP A 112 -30.96 9.40 3.21
N GLU A 113 -30.06 8.44 3.31
CA GLU A 113 -28.65 8.67 2.98
C GLU A 113 -28.22 7.75 1.84
N VAL A 114 -27.17 8.15 1.11
CA VAL A 114 -26.71 7.38 -0.04
C VAL A 114 -25.32 6.79 0.18
N TYR A 115 -25.20 5.48 -0.04
CA TYR A 115 -23.94 4.78 0.12
C TYR A 115 -23.37 4.36 -1.23
N LEU A 116 -22.03 4.35 -1.32
CA LEU A 116 -21.35 3.87 -2.52
C LEU A 116 -20.90 2.43 -2.35
N ASN A 117 -21.30 1.58 -3.27
CA ASN A 117 -20.94 0.17 -3.23
C ASN A 117 -19.89 -0.18 -4.28
N LEU A 118 -18.73 -0.65 -3.84
CA LEU A 118 -17.67 -1.04 -4.76
C LEU A 118 -17.60 -2.55 -4.86
N VAL A 119 -17.87 -3.09 -6.04
CA VAL A 119 -17.80 -4.53 -6.25
C VAL A 119 -16.44 -4.91 -6.81
N LEU A 120 -15.64 -5.57 -5.97
CA LEU A 120 -14.26 -5.90 -6.31
C LEU A 120 -14.06 -7.39 -6.41
N ASP A 121 -12.94 -7.81 -6.98
CA ASP A 121 -12.55 -9.21 -6.93
C ASP A 121 -12.30 -9.60 -5.48
N TYR A 122 -12.71 -10.80 -5.09
CA TYR A 122 -12.49 -11.27 -3.73
C TYR A 122 -11.12 -11.95 -3.61
N VAL A 123 -10.31 -11.45 -2.68
CA VAL A 123 -9.01 -12.05 -2.41
C VAL A 123 -8.92 -12.41 -0.93
N PRO A 124 -8.76 -13.71 -0.64
CA PRO A 124 -8.95 -14.27 0.71
C PRO A 124 -7.98 -13.78 1.80
N GLU A 125 -6.73 -13.54 1.47
CA GLU A 125 -5.75 -13.19 2.50
C GLU A 125 -5.10 -11.82 2.30
N THR A 126 -4.35 -11.39 3.31
CA THR A 126 -3.54 -10.19 3.20
C THR A 126 -2.12 -10.49 3.67
N VAL A 127 -1.18 -9.62 3.31
CA VAL A 127 0.21 -9.77 3.74
C VAL A 127 0.29 -9.73 5.27
N TYR A 128 -0.54 -8.90 5.89
CA TYR A 128 -0.55 -8.79 7.35
C TYR A 128 -0.94 -10.12 8.02
N ARG A 129 -2.02 -10.73 7.55
CA ARG A 129 -2.50 -11.98 8.13
C ARG A 129 -1.49 -13.11 7.96
N VAL A 130 -0.87 -13.16 6.78
CA VAL A 130 0.17 -14.16 6.53
C VAL A 130 1.38 -13.94 7.42
N ALA A 131 1.82 -12.69 7.53
CA ALA A 131 2.96 -12.35 8.39
C ALA A 131 2.67 -12.67 9.85
N ARG A 132 1.44 -12.39 10.30
CA ARG A 132 1.05 -12.68 11.68
C ARG A 132 1.11 -14.16 12.01
N HIS A 133 0.84 -15.02 11.02
CA HIS A 133 0.93 -16.46 11.25
C HIS A 133 2.35 -16.86 11.63
N TYR A 134 3.31 -16.34 10.88
CA TYR A 134 4.71 -16.67 11.11
C TYR A 134 5.21 -16.09 12.43
N SER A 135 4.67 -14.94 12.81
N SER A 135 4.67 -14.94 12.81
CA SER A 135 5.08 -14.28 14.06
CA SER A 135 5.06 -14.27 14.06
C SER A 135 4.69 -15.10 15.29
C SER A 135 4.69 -15.10 15.28
N ARG A 136 3.44 -15.56 15.33
CA ARG A 136 2.96 -16.35 16.46
C ARG A 136 3.44 -17.79 16.40
N ALA A 137 4.00 -18.18 15.26
CA ALA A 137 4.60 -19.51 15.12
C ALA A 137 6.11 -19.45 15.38
N LYS A 138 6.59 -18.23 15.65
CA LYS A 138 8.02 -17.98 15.87
C LYS A 138 8.87 -18.43 14.68
N GLN A 139 8.37 -18.15 13.47
CA GLN A 139 9.09 -18.47 12.25
C GLN A 139 9.24 -17.21 11.41
N THR A 140 10.20 -17.23 10.49
CA THR A 140 10.40 -16.12 9.58
C THR A 140 9.84 -16.49 8.20
N LEU A 141 9.15 -15.53 7.58
CA LEU A 141 8.62 -15.73 6.23
C LEU A 141 9.77 -16.01 5.28
N PRO A 142 9.71 -17.15 4.58
CA PRO A 142 10.75 -17.56 3.62
C PRO A 142 11.06 -16.44 2.64
N VAL A 143 12.35 -16.24 2.36
CA VAL A 143 12.80 -15.12 1.55
C VAL A 143 12.13 -15.08 0.18
N ILE A 144 11.83 -16.26 -0.35
CA ILE A 144 11.18 -16.37 -1.66
C ILE A 144 9.85 -15.61 -1.70
N TYR A 145 9.11 -15.67 -0.60
CA TYR A 145 7.84 -14.96 -0.51
C TYR A 145 8.05 -13.47 -0.30
N VAL A 146 9.07 -13.12 0.47
CA VAL A 146 9.42 -11.71 0.67
C VAL A 146 9.75 -11.08 -0.67
N LYS A 147 10.53 -11.79 -1.49
CA LYS A 147 10.84 -11.35 -2.84
C LYS A 147 9.58 -11.21 -3.69
N LEU A 148 8.76 -12.25 -3.71
CA LEU A 148 7.54 -12.27 -4.52
C LEU A 148 6.57 -11.16 -4.16
N TYR A 149 6.31 -10.98 -2.86
CA TYR A 149 5.35 -9.99 -2.41
C TYR A 149 5.85 -8.57 -2.65
N MET A 150 7.11 -8.31 -2.30
CA MET A 150 7.68 -6.98 -2.47
C MET A 150 7.77 -6.58 -3.95
N TYR A 151 8.16 -7.53 -4.79
CA TYR A 151 8.28 -7.26 -6.23
C TYR A 151 6.95 -6.83 -6.82
N GLN A 152 5.89 -7.56 -6.49
CA GLN A 152 4.57 -7.27 -7.01
C GLN A 152 4.03 -5.95 -6.46
N LEU A 153 4.40 -5.62 -5.23
CA LEU A 153 4.03 -4.34 -4.63
C LEU A 153 4.66 -3.19 -5.41
N PHE A 154 5.94 -3.34 -5.78
CA PHE A 154 6.65 -2.31 -6.51
C PHE A 154 6.11 -2.12 -7.92
N ARG A 155 5.64 -3.20 -8.54
CA ARG A 155 5.03 -3.12 -9.87
C ARG A 155 3.76 -2.29 -9.83
N SER A 156 2.92 -2.55 -8.82
CA SER A 156 1.67 -1.81 -8.68
C SER A 156 1.95 -0.34 -8.42
N LEU A 157 3.01 -0.07 -7.66
CA LEU A 157 3.41 1.30 -7.38
C LEU A 157 3.94 1.99 -8.63
N ALA A 158 4.76 1.27 -9.40
CA ALA A 158 5.26 1.80 -10.66
C ALA A 158 4.10 2.13 -11.59
N TYR A 159 3.04 1.33 -11.52
CA TYR A 159 1.88 1.53 -12.36
C TYR A 159 1.08 2.77 -11.97
N ILE A 160 0.71 2.88 -10.70
CA ILE A 160 -0.07 4.03 -10.25
C ILE A 160 0.72 5.34 -10.27
N HIS A 161 2.04 5.24 -10.10
CA HIS A 161 2.88 6.44 -10.13
C HIS A 161 3.01 6.99 -11.54
N SER A 162 2.91 6.11 -12.54
CA SER A 162 3.01 6.52 -13.93
C SER A 162 1.85 7.43 -14.33
N PHE A 163 0.75 7.35 -13.57
CA PHE A 163 -0.41 8.21 -13.79
C PHE A 163 -0.36 9.41 -12.86
N GLY A 164 0.66 9.46 -12.01
CA GLY A 164 0.80 10.54 -11.04
C GLY A 164 -0.02 10.31 -9.80
N ILE A 165 -0.50 9.08 -9.64
CA ILE A 165 -1.33 8.73 -8.49
C ILE A 165 -0.48 8.17 -7.34
N CYS A 166 -0.69 8.73 -6.15
CA CYS A 166 -0.01 8.28 -4.95
C CYS A 166 -1.01 7.61 -4.01
N HIS A 167 -0.70 6.38 -3.58
CA HIS A 167 -1.61 5.58 -2.76
C HIS A 167 -1.84 6.21 -1.38
N ARG A 168 -0.76 6.67 -0.75
CA ARG A 168 -0.80 7.36 0.54
C ARG A 168 -1.28 6.52 1.73
N ASP A 169 -1.31 5.20 1.56
CA ASP A 169 -1.69 4.32 2.66
C ASP A 169 -1.14 2.90 2.46
N ILE A 170 0.11 2.81 2.04
CA ILE A 170 0.77 1.52 1.87
C ILE A 170 1.09 0.88 3.22
N LYS A 171 0.56 -0.32 3.42
CA LYS A 171 0.78 -1.09 4.64
C LYS A 171 0.33 -2.54 4.38
N PRO A 172 0.80 -3.50 5.22
CA PRO A 172 0.49 -4.91 4.99
C PRO A 172 -1.00 -5.23 4.89
N GLN A 173 -1.83 -4.49 5.62
CA GLN A 173 -3.28 -4.74 5.63
C GLN A 173 -3.92 -4.40 4.30
N ASN A 174 -3.25 -3.56 3.50
CA ASN A 174 -3.78 -3.15 2.21
C ASN A 174 -3.20 -3.95 1.05
N LEU A 175 -2.48 -5.01 1.37
CA LEU A 175 -1.87 -5.86 0.35
C LEU A 175 -2.54 -7.23 0.34
N LEU A 176 -3.48 -7.43 -0.57
CA LEU A 176 -4.23 -8.66 -0.66
C LEU A 176 -3.40 -9.79 -1.26
N LEU A 177 -3.58 -11.00 -0.74
CA LEU A 177 -2.83 -12.15 -1.19
C LEU A 177 -3.75 -13.32 -1.55
N ASP A 178 -3.42 -13.98 -2.66
CA ASP A 178 -3.97 -15.30 -2.93
C ASP A 178 -2.84 -16.29 -2.71
N PRO A 179 -2.79 -16.90 -1.52
CA PRO A 179 -1.68 -17.77 -1.09
C PRO A 179 -1.42 -18.93 -2.05
N ASP A 180 -2.46 -19.42 -2.70
CA ASP A 180 -2.30 -20.53 -3.65
C ASP A 180 -1.47 -20.13 -4.86
N THR A 181 -1.72 -18.93 -5.39
CA THR A 181 -1.02 -18.47 -6.58
C THR A 181 0.10 -17.49 -6.23
N ALA A 182 0.16 -17.09 -4.97
CA ALA A 182 1.13 -16.11 -4.48
C ALA A 182 1.05 -14.78 -5.23
N VAL A 183 -0.14 -14.47 -5.73
CA VAL A 183 -0.39 -13.20 -6.40
C VAL A 183 -0.77 -12.13 -5.38
N LEU A 184 -0.13 -10.97 -5.48
CA LEU A 184 -0.42 -9.85 -4.60
C LEU A 184 -1.24 -8.80 -5.33
N LYS A 185 -2.23 -8.25 -4.63
CA LYS A 185 -3.03 -7.17 -5.19
C LYS A 185 -3.16 -6.00 -4.23
N LEU A 186 -2.74 -4.82 -4.68
CA LEU A 186 -2.88 -3.61 -3.88
C LEU A 186 -4.35 -3.21 -3.82
N CYS A 187 -4.82 -2.82 -2.63
CA CYS A 187 -6.20 -2.40 -2.46
C CYS A 187 -6.30 -1.14 -1.61
N ASP A 188 -7.54 -0.71 -1.37
CA ASP A 188 -7.84 0.45 -0.54
C ASP A 188 -7.26 1.75 -1.09
N PHE A 189 -8.03 2.41 -1.95
CA PHE A 189 -7.62 3.66 -2.56
C PHE A 189 -8.40 4.85 -2.00
N GLY A 190 -8.84 4.73 -0.76
CA GLY A 190 -9.60 5.79 -0.11
C GLY A 190 -8.76 6.99 0.30
N SER A 191 -7.44 6.82 0.32
CA SER A 191 -6.53 7.91 0.67
C SER A 191 -5.75 8.37 -0.54
N ALA A 192 -5.86 7.62 -1.63
CA ALA A 192 -5.08 7.90 -2.83
C ALA A 192 -5.43 9.24 -3.46
N LYS A 193 -4.47 9.82 -4.16
CA LYS A 193 -4.65 11.15 -4.76
C LYS A 193 -3.65 11.37 -5.88
N GLN A 194 -4.08 12.11 -6.91
CA GLN A 194 -3.19 12.47 -8.00
CA GLN A 194 -3.19 12.47 -8.00
C GLN A 194 -2.40 13.72 -7.63
N LEU A 195 -1.12 13.53 -7.32
CA LEU A 195 -0.28 14.63 -6.86
C LEU A 195 0.10 15.60 -7.99
N VAL A 196 -0.09 16.88 -7.73
CA VAL A 196 0.28 17.93 -8.69
C VAL A 196 1.24 18.91 -8.03
N ARG A 197 2.42 19.07 -8.64
CA ARG A 197 3.42 20.00 -8.11
C ARG A 197 2.85 21.41 -8.08
N GLY A 198 2.95 22.05 -6.93
CA GLY A 198 2.42 23.40 -6.77
C GLY A 198 1.15 23.45 -5.96
N GLU A 199 0.49 22.29 -5.85
CA GLU A 199 -0.73 22.19 -5.07
C GLU A 199 -0.48 21.39 -3.80
N PRO A 200 -0.75 22.01 -2.63
CA PRO A 200 -0.50 21.40 -1.32
C PRO A 200 -1.36 20.18 -1.05
N ASN A 201 -0.85 19.27 -0.22
CA ASN A 201 -1.57 18.06 0.17
C ASN A 201 -1.62 17.96 1.68
N VAL A 202 -2.61 17.23 2.20
CA VAL A 202 -2.73 17.03 3.64
C VAL A 202 -1.51 16.27 4.16
N SER A 203 -0.99 16.68 5.30
N SER A 203 -1.01 16.68 5.31
CA SER A 203 0.19 16.04 5.88
CA SER A 203 0.20 16.08 5.89
C SER A 203 -0.17 14.84 6.72
C SER A 203 -0.11 14.90 6.80
N TYR A 204 -1.24 14.96 7.50
CA TYR A 204 -1.66 13.87 8.38
C TYR A 204 -2.30 12.75 7.57
N ILE A 205 -1.47 12.06 6.80
CA ILE A 205 -1.92 10.97 5.94
C ILE A 205 -1.05 9.75 6.24
N CYS A 206 -1.39 8.60 5.64
CA CYS A 206 -0.70 7.32 5.87
CA CYS A 206 -0.68 7.33 5.89
C CYS A 206 -0.89 6.81 7.31
N SER A 207 -0.94 5.49 7.44
CA SER A 207 -1.15 4.86 8.75
C SER A 207 0.11 4.89 9.59
N ARG A 208 -0.07 4.89 10.91
CA ARG A 208 1.04 4.82 11.85
C ARG A 208 1.95 3.64 11.51
N TYR A 209 3.24 3.78 11.84
CA TYR A 209 4.30 2.81 11.55
C TYR A 209 4.85 2.92 10.12
N TYR A 210 4.02 3.42 9.20
CA TYR A 210 4.39 3.45 7.79
C TYR A 210 4.47 4.86 7.21
N ARG A 211 4.38 5.86 8.07
N ARG A 211 4.42 5.86 8.08
CA ARG A 211 4.43 7.25 7.64
CA ARG A 211 4.42 7.26 7.65
C ARG A 211 5.86 7.73 7.38
C ARG A 211 5.84 7.77 7.41
N ALA A 212 6.07 8.30 6.21
CA ALA A 212 7.38 8.84 5.84
C ALA A 212 7.77 10.01 6.76
N PRO A 213 9.07 10.16 7.04
CA PRO A 213 9.54 11.19 7.97
C PRO A 213 9.09 12.60 7.57
N GLU A 214 9.06 12.89 6.28
CA GLU A 214 8.63 14.21 5.82
C GLU A 214 7.16 14.47 6.18
N LEU A 215 6.35 13.41 6.21
CA LEU A 215 4.95 13.54 6.61
C LEU A 215 4.83 13.83 8.10
N ILE A 216 5.67 13.17 8.89
CA ILE A 216 5.69 13.37 10.34
C ILE A 216 6.15 14.81 10.65
N PHE A 217 7.08 15.32 9.84
CA PHE A 217 7.54 16.69 9.97
C PHE A 217 6.53 17.70 9.43
N GLY A 218 5.43 17.21 8.90
CA GLY A 218 4.33 18.07 8.49
C GLY A 218 4.42 18.68 7.11
N ALA A 219 5.17 18.05 6.22
CA ALA A 219 5.30 18.54 4.85
C ALA A 219 3.98 18.44 4.09
N THR A 220 3.70 19.44 3.26
CA THR A 220 2.50 19.44 2.44
C THR A 220 2.85 19.33 0.96
N ASP A 221 4.14 19.36 0.67
CA ASP A 221 4.61 19.34 -0.71
C ASP A 221 5.34 18.05 -1.05
N TYR A 222 4.94 16.96 -0.38
CA TYR A 222 5.57 15.67 -0.60
C TYR A 222 5.21 15.08 -1.96
N THR A 223 5.88 13.98 -2.32
CA THR A 223 5.67 13.35 -3.61
C THR A 223 5.28 11.88 -3.44
N SER A 224 5.32 11.14 -4.55
CA SER A 224 4.93 9.74 -4.56
C SER A 224 5.93 8.88 -3.80
N SER A 225 7.09 9.44 -3.50
CA SER A 225 8.15 8.70 -2.83
C SER A 225 7.79 8.29 -1.40
N ILE A 226 6.72 8.87 -0.86
CA ILE A 226 6.24 8.45 0.45
C ILE A 226 5.73 7.00 0.42
N ASP A 227 5.25 6.58 -0.75
CA ASP A 227 4.79 5.20 -0.92
C ASP A 227 5.98 4.25 -0.88
N VAL A 228 7.12 4.72 -1.38
CA VAL A 228 8.34 3.92 -1.39
C VAL A 228 8.87 3.73 0.03
N TRP A 229 8.81 4.78 0.85
CA TRP A 229 9.19 4.66 2.26
C TRP A 229 8.32 3.62 2.95
N SER A 230 7.02 3.72 2.75
CA SER A 230 6.08 2.77 3.33
C SER A 230 6.36 1.34 2.88
N ALA A 231 6.73 1.18 1.60
CA ALA A 231 7.09 -0.13 1.07
C ALA A 231 8.35 -0.65 1.74
N GLY A 232 9.27 0.26 2.04
CA GLY A 232 10.48 -0.09 2.77
C GLY A 232 10.16 -0.57 4.18
N CYS A 233 9.13 0.01 4.77
CA CYS A 233 8.68 -0.40 6.10
C CYS A 233 8.07 -1.80 6.08
N VAL A 234 7.32 -2.09 5.02
CA VAL A 234 6.73 -3.42 4.85
C VAL A 234 7.83 -4.46 4.70
N LEU A 235 8.81 -4.15 3.87
CA LEU A 235 9.96 -5.04 3.66
C LEU A 235 10.68 -5.34 4.97
N ALA A 236 11.00 -4.28 5.71
CA ALA A 236 11.70 -4.42 6.99
C ALA A 236 10.88 -5.27 7.95
N GLU A 237 9.57 -5.03 7.98
CA GLU A 237 8.65 -5.77 8.83
C GLU A 237 8.66 -7.26 8.53
N LEU A 238 8.65 -7.62 7.25
CA LEU A 238 8.65 -9.02 6.85
C LEU A 238 9.96 -9.71 7.25
N LEU A 239 11.06 -8.98 7.19
CA LEU A 239 12.36 -9.52 7.57
C LEU A 239 12.50 -9.63 9.09
N LEU A 240 11.84 -8.72 9.81
CA LEU A 240 12.01 -8.61 11.25
C LEU A 240 10.97 -9.40 12.04
N GLY A 241 9.76 -9.48 11.51
CA GLY A 241 8.69 -10.19 12.20
C GLY A 241 7.82 -9.25 13.01
N GLN A 242 8.13 -7.96 12.93
CA GLN A 242 7.36 -6.92 13.61
C GLN A 242 7.65 -5.57 12.98
N PRO A 243 6.79 -4.56 13.22
CA PRO A 243 7.03 -3.21 12.70
C PRO A 243 8.38 -2.66 13.15
N ILE A 244 9.10 -2.01 12.24
CA ILE A 244 10.42 -1.49 12.56
C ILE A 244 10.35 -0.11 13.24
N PHE A 245 9.32 0.66 12.92
CA PHE A 245 9.15 1.99 13.50
C PHE A 245 7.81 2.17 14.21
N PRO A 246 7.57 1.41 15.29
CA PRO A 246 6.28 1.54 15.98
C PRO A 246 6.21 2.83 16.79
N GLY A 247 5.05 3.11 17.37
CA GLY A 247 4.86 4.32 18.15
C GLY A 247 3.48 4.92 17.93
N ASP A 248 2.89 5.43 19.00
CA ASP A 248 1.54 6.02 18.93
C ASP A 248 1.53 7.35 18.19
N SER A 249 2.46 8.23 18.56
CA SER A 249 2.50 9.57 17.98
C SER A 249 3.60 9.71 16.94
N GLY A 250 3.60 10.85 16.24
CA GLY A 250 4.61 11.16 15.25
C GLY A 250 6.00 11.22 15.85
N VAL A 251 6.12 11.84 17.02
CA VAL A 251 7.40 11.94 17.70
C VAL A 251 7.94 10.57 18.07
N ASP A 252 7.06 9.71 18.59
CA ASP A 252 7.42 8.34 18.93
C ASP A 252 8.02 7.62 17.74
N GLN A 253 7.35 7.73 16.59
CA GLN A 253 7.78 7.06 15.38
C GLN A 253 9.09 7.64 14.84
N LEU A 254 9.23 8.95 14.96
CA LEU A 254 10.43 9.64 14.49
C LEU A 254 11.65 9.27 15.33
N VAL A 255 11.44 9.05 16.61
CA VAL A 255 12.51 8.61 17.51
C VAL A 255 13.00 7.23 17.10
N GLU A 256 12.07 6.33 16.77
CA GLU A 256 12.43 4.99 16.29
C GLU A 256 13.24 5.06 15.00
N ILE A 257 12.80 5.91 14.08
CA ILE A 257 13.52 6.12 12.83
C ILE A 257 14.92 6.67 13.08
N ILE A 258 15.01 7.67 13.95
CA ILE A 258 16.31 8.27 14.28
C ILE A 258 17.22 7.25 14.96
N LYS A 259 16.66 6.38 15.78
CA LYS A 259 17.43 5.35 16.44
C LYS A 259 18.04 4.35 15.46
N VAL A 260 17.51 4.30 14.24
CA VAL A 260 18.04 3.42 13.21
C VAL A 260 18.91 4.18 12.21
N LEU A 261 18.36 5.25 11.65
CA LEU A 261 19.04 6.01 10.61
C LEU A 261 20.05 7.02 11.14
N GLY A 262 19.94 7.34 12.43
CA GLY A 262 20.71 8.42 13.01
C GLY A 262 20.01 9.74 12.74
N THR A 263 20.42 10.78 13.47
CA THR A 263 19.84 12.11 13.29
C THR A 263 20.06 12.57 11.85
N PRO A 264 18.99 13.06 11.19
CA PRO A 264 19.14 13.59 9.84
C PRO A 264 19.98 14.85 9.83
N THR A 265 20.76 15.05 8.76
CA THR A 265 21.57 16.25 8.62
C THR A 265 20.65 17.42 8.27
N ARG A 266 21.18 18.64 8.35
CA ARG A 266 20.39 19.83 8.03
C ARG A 266 19.87 19.77 6.60
N GLU A 267 20.71 19.29 5.69
CA GLU A 267 20.32 19.19 4.29
C GLU A 267 19.17 18.20 4.12
N GLN A 268 19.26 17.07 4.81
CA GLN A 268 18.20 16.06 4.78
C GLN A 268 16.91 16.61 5.38
N ILE A 269 17.05 17.39 6.45
CA ILE A 269 15.90 18.05 7.07
C ILE A 269 15.26 19.04 6.09
N ARG A 270 16.10 19.77 5.37
CA ARG A 270 15.62 20.73 4.38
C ARG A 270 14.85 20.03 3.25
N GLU A 271 15.32 18.86 2.86
CA GLU A 271 14.67 18.09 1.80
C GLU A 271 13.28 17.61 2.25
N MET A 272 13.16 17.32 3.55
CA MET A 272 11.89 16.90 4.11
C MET A 272 10.99 18.08 4.44
N ASN A 273 11.48 18.99 5.27
CA ASN A 273 10.72 20.19 5.64
C ASN A 273 11.66 21.32 6.08
N PRO A 274 11.81 22.34 5.23
CA PRO A 274 12.69 23.50 5.45
C PRO A 274 12.43 24.24 6.76
N ASN A 275 11.22 24.15 7.28
CA ASN A 275 10.85 24.86 8.51
C ASN A 275 11.52 24.33 9.77
N TYR A 276 12.27 23.24 9.64
CA TYR A 276 12.92 22.61 10.79
C TYR A 276 14.45 22.67 10.75
N THR A 277 14.99 23.38 9.76
CA THR A 277 16.43 23.39 9.53
C THR A 277 17.26 24.09 10.60
N GLU A 278 16.62 24.95 11.39
CA GLU A 278 17.37 25.77 12.34
C GLU A 278 17.25 25.31 13.79
N PHE A 279 16.68 24.13 14.00
CA PHE A 279 16.62 23.55 15.34
C PHE A 279 17.83 22.67 15.61
N LYS A 280 18.28 22.66 16.85
CA LYS A 280 19.46 21.90 17.23
C LYS A 280 19.09 20.54 17.83
N PHE A 281 18.85 19.56 16.97
CA PHE A 281 18.56 18.21 17.42
C PHE A 281 19.83 17.50 17.86
N PRO A 282 19.77 16.76 18.98
CA PRO A 282 20.89 15.96 19.45
C PRO A 282 21.36 14.98 18.38
N GLN A 283 22.66 14.74 18.31
CA GLN A 283 23.22 13.88 17.27
C GLN A 283 23.29 12.43 17.72
N ILE A 284 22.34 11.63 17.27
CA ILE A 284 22.30 10.20 17.58
C ILE A 284 22.93 9.41 16.44
N LYS A 285 23.84 8.50 16.79
CA LYS A 285 24.53 7.69 15.78
C LYS A 285 23.62 6.65 15.15
N ALA A 286 23.82 6.39 13.88
CA ALA A 286 23.03 5.39 13.16
C ALA A 286 23.34 3.99 13.64
N HIS A 287 22.33 3.13 13.61
CA HIS A 287 22.50 1.72 13.92
C HIS A 287 22.64 0.96 12.61
N PRO A 288 23.77 0.26 12.42
CA PRO A 288 24.05 -0.44 11.17
C PRO A 288 22.94 -1.41 10.78
N TRP A 289 22.53 -1.38 9.52
CA TRP A 289 21.42 -2.20 9.04
C TRP A 289 21.63 -3.69 9.28
N THR A 290 22.87 -4.14 9.19
CA THR A 290 23.19 -5.54 9.44
C THR A 290 22.96 -5.93 10.89
N LYS A 291 22.94 -4.92 11.77
CA LYS A 291 22.67 -5.14 13.18
C LYS A 291 21.18 -4.99 13.48
N VAL A 292 20.46 -4.33 12.58
CA VAL A 292 19.03 -4.16 12.71
C VAL A 292 18.30 -5.47 12.51
N PHE A 293 18.69 -6.20 11.47
CA PHE A 293 18.06 -7.48 11.15
C PHE A 293 18.85 -8.64 11.73
N ARG A 294 18.24 -9.83 11.69
CA ARG A 294 18.88 -11.04 12.21
C ARG A 294 20.11 -11.37 11.36
N PRO A 295 21.07 -12.11 11.94
CA PRO A 295 22.32 -12.43 11.22
C PRO A 295 22.13 -13.30 9.97
N ARG A 296 20.96 -13.92 9.82
CA ARG A 296 20.72 -14.79 8.66
C ARG A 296 20.06 -14.04 7.50
N THR A 297 19.84 -12.74 7.68
CA THR A 297 19.21 -11.91 6.67
C THR A 297 20.10 -11.76 5.43
N PRO A 298 19.53 -12.01 4.24
CA PRO A 298 20.25 -11.85 2.96
C PRO A 298 20.77 -10.43 2.77
N PRO A 299 22.05 -10.30 2.40
CA PRO A 299 22.73 -9.01 2.22
C PRO A 299 22.01 -8.08 1.23
N GLU A 300 21.43 -8.65 0.17
CA GLU A 300 20.76 -7.85 -0.84
C GLU A 300 19.42 -7.30 -0.36
N ALA A 301 18.81 -8.00 0.61
CA ALA A 301 17.57 -7.52 1.21
C ALA A 301 17.89 -6.30 2.08
N ILE A 302 19.04 -6.37 2.75
CA ILE A 302 19.50 -5.27 3.59
C ILE A 302 19.87 -4.07 2.73
N ALA A 303 20.51 -4.34 1.61
CA ALA A 303 20.91 -3.29 0.66
C ALA A 303 19.69 -2.57 0.11
N LEU A 304 18.72 -3.34 -0.37
CA LEU A 304 17.50 -2.77 -0.93
C LEU A 304 16.77 -1.92 0.10
N CYS A 305 16.65 -2.45 1.30
CA CYS A 305 15.95 -1.76 2.38
C CYS A 305 16.59 -0.42 2.72
N SER A 306 17.92 -0.34 2.64
CA SER A 306 18.63 0.88 2.97
C SER A 306 18.49 1.93 1.86
N ARG A 307 18.06 1.49 0.69
CA ARG A 307 17.87 2.40 -0.44
C ARG A 307 16.42 2.87 -0.52
N LEU A 308 15.55 2.25 0.26
CA LEU A 308 14.15 2.63 0.33
C LEU A 308 13.92 3.55 1.52
N LEU A 309 14.51 3.18 2.66
CA LEU A 309 14.34 3.95 3.88
C LEU A 309 15.39 5.05 3.99
N GLU A 310 15.26 6.06 3.14
CA GLU A 310 16.16 7.19 3.12
C GLU A 310 15.42 8.45 3.57
N TYR A 311 16.13 9.33 4.28
CA TYR A 311 15.55 10.59 4.73
C TYR A 311 15.14 11.45 3.53
N THR A 312 16.10 11.71 2.64
CA THR A 312 15.85 12.51 1.46
C THR A 312 14.97 11.75 0.46
N PRO A 313 13.76 12.25 0.22
CA PRO A 313 12.77 11.57 -0.62
C PRO A 313 13.26 11.32 -2.04
N THR A 314 14.05 12.24 -2.58
CA THR A 314 14.56 12.11 -3.95
C THR A 314 15.68 11.07 -4.04
N ALA A 315 16.22 10.67 -2.88
CA ALA A 315 17.29 9.68 -2.85
C ALA A 315 16.75 8.26 -2.87
N ARG A 316 15.50 8.10 -2.44
CA ARG A 316 14.85 6.79 -2.44
C ARG A 316 14.70 6.25 -3.85
N LEU A 317 14.79 4.93 -3.99
CA LEU A 317 14.57 4.27 -5.26
C LEU A 317 13.16 4.54 -5.77
N THR A 318 13.00 4.57 -7.09
CA THR A 318 11.68 4.57 -7.68
C THR A 318 11.19 3.12 -7.65
N PRO A 319 9.86 2.92 -7.72
CA PRO A 319 9.31 1.55 -7.71
C PRO A 319 9.87 0.69 -8.86
N LEU A 320 10.04 1.28 -10.03
CA LEU A 320 10.58 0.54 -11.17
C LEU A 320 12.04 0.16 -10.94
N GLU A 321 12.80 1.08 -10.35
CA GLU A 321 14.20 0.81 -10.03
C GLU A 321 14.32 -0.29 -8.98
N ALA A 322 13.35 -0.33 -8.07
CA ALA A 322 13.34 -1.32 -7.00
C ALA A 322 13.12 -2.73 -7.56
N CYS A 323 12.28 -2.84 -8.59
CA CYS A 323 12.04 -4.12 -9.25
C CYS A 323 13.31 -4.69 -9.87
N ALA A 324 14.18 -3.80 -10.34
CA ALA A 324 15.40 -4.21 -11.02
C ALA A 324 16.55 -4.49 -10.04
N HIS A 325 16.27 -4.34 -8.74
CA HIS A 325 17.29 -4.54 -7.72
C HIS A 325 17.73 -6.00 -7.67
N SER A 326 18.96 -6.23 -7.21
CA SER A 326 19.55 -7.56 -7.18
C SER A 326 18.81 -8.53 -6.27
N PHE A 327 18.04 -7.99 -5.33
CA PHE A 327 17.28 -8.80 -4.39
C PHE A 327 16.24 -9.65 -5.11
N PHE A 328 15.78 -9.20 -6.27
CA PHE A 328 14.76 -9.90 -7.02
C PHE A 328 15.33 -10.69 -8.20
N ASP A 329 16.65 -10.83 -8.23
CA ASP A 329 17.32 -11.58 -9.29
C ASP A 329 16.83 -13.02 -9.39
N GLU A 330 16.56 -13.62 -8.23
CA GLU A 330 16.09 -14.99 -8.19
C GLU A 330 14.78 -15.15 -8.97
N LEU A 331 13.89 -14.17 -8.86
CA LEU A 331 12.60 -14.23 -9.54
C LEU A 331 12.75 -14.26 -11.05
N ARG A 332 13.89 -13.75 -11.55
CA ARG A 332 14.14 -13.69 -12.98
C ARG A 332 14.83 -14.96 -13.50
N ASP A 333 14.99 -15.94 -12.62
CA ASP A 333 15.57 -17.22 -13.01
C ASP A 333 14.49 -18.08 -13.69
N PRO A 334 14.86 -18.75 -14.79
CA PRO A 334 13.91 -19.58 -15.55
C PRO A 334 13.34 -20.74 -14.74
N ASN A 335 14.14 -21.28 -13.81
CA ASN A 335 13.76 -22.49 -13.10
C ASN A 335 13.21 -22.29 -11.69
N VAL A 336 12.63 -21.12 -11.43
CA VAL A 336 12.05 -20.86 -10.12
C VAL A 336 10.59 -21.30 -10.04
N LYS A 337 10.23 -21.90 -8.92
CA LYS A 337 8.86 -22.36 -8.68
C LYS A 337 8.47 -22.08 -7.24
N LEU A 338 7.17 -21.98 -6.97
CA LEU A 338 6.67 -21.79 -5.62
C LEU A 338 6.94 -23.04 -4.79
N PRO A 339 7.06 -22.87 -3.45
CA PRO A 339 7.25 -24.00 -2.53
C PRO A 339 6.13 -25.03 -2.62
N ASN A 340 4.96 -24.63 -3.11
CA ASN A 340 3.84 -25.57 -3.26
C ASN A 340 3.93 -26.39 -4.54
N GLY A 341 4.83 -26.00 -5.43
CA GLY A 341 5.06 -26.73 -6.67
C GLY A 341 4.64 -25.98 -7.92
N ARG A 342 3.77 -24.99 -7.77
CA ARG A 342 3.30 -24.22 -8.92
C ARG A 342 4.36 -23.23 -9.41
N ASP A 343 4.17 -22.73 -10.62
CA ASP A 343 5.04 -21.70 -11.17
C ASP A 343 4.71 -20.35 -10.54
N THR A 344 5.65 -19.42 -10.63
CA THR A 344 5.45 -18.06 -10.15
C THR A 344 4.42 -17.37 -11.04
N PRO A 345 3.72 -16.36 -10.50
CA PRO A 345 2.75 -15.58 -11.29
C PRO A 345 3.42 -14.83 -12.42
N ALA A 346 2.63 -14.13 -13.24
CA ALA A 346 3.17 -13.28 -14.29
C ALA A 346 3.96 -12.14 -13.66
N LEU A 347 5.22 -12.01 -14.03
CA LEU A 347 6.12 -11.04 -13.41
C LEU A 347 6.80 -10.12 -14.41
N PHE A 348 6.77 -10.48 -15.69
CA PHE A 348 7.54 -9.77 -16.69
C PHE A 348 6.72 -9.19 -17.83
N ASN A 349 5.39 -9.24 -17.69
CA ASN A 349 4.51 -8.71 -18.73
C ASN A 349 4.32 -7.20 -18.63
N PHE A 350 5.44 -6.48 -18.54
CA PHE A 350 5.42 -5.02 -18.42
C PHE A 350 4.87 -4.35 -19.67
N THR A 351 4.08 -3.30 -19.47
CA THR A 351 3.59 -2.49 -20.59
C THR A 351 4.45 -1.25 -20.76
N THR A 352 4.20 -0.51 -21.84
CA THR A 352 4.93 0.73 -22.11
C THR A 352 4.64 1.76 -21.01
N GLN A 353 3.44 1.68 -20.44
CA GLN A 353 3.02 2.59 -19.38
C GLN A 353 3.82 2.35 -18.11
N GLU A 354 4.00 1.09 -17.74
CA GLU A 354 4.74 0.73 -16.54
C GLU A 354 6.20 1.13 -16.66
N LEU A 355 6.75 1.00 -17.87
CA LEU A 355 8.16 1.27 -18.13
C LEU A 355 8.42 2.74 -18.49
N SER A 356 7.34 3.53 -18.54
CA SER A 356 7.43 4.91 -19.01
C SER A 356 8.42 5.77 -18.21
N SER A 357 8.56 5.46 -16.93
CA SER A 357 9.46 6.21 -16.05
C SER A 357 10.93 5.95 -16.39
N ASN A 358 11.21 4.77 -16.91
CA ASN A 358 12.59 4.38 -17.24
C ASN A 358 12.63 3.17 -18.18
N PRO A 359 12.38 3.41 -19.48
CA PRO A 359 12.37 2.35 -20.51
C PRO A 359 13.62 1.45 -20.61
N PRO A 360 14.85 1.99 -20.44
CA PRO A 360 16.00 1.07 -20.56
C PRO A 360 16.07 -0.02 -19.48
N LEU A 361 15.29 0.10 -18.41
CA LEU A 361 15.28 -0.92 -17.37
C LEU A 361 14.67 -2.23 -17.85
N ALA A 362 14.07 -2.22 -19.04
CA ALA A 362 13.45 -3.40 -19.62
C ALA A 362 14.48 -4.50 -19.86
N THR A 363 15.73 -4.10 -20.09
CA THR A 363 16.82 -5.04 -20.31
C THR A 363 17.00 -5.95 -19.10
N ILE A 364 16.88 -5.37 -17.91
CA ILE A 364 16.98 -6.15 -16.68
C ILE A 364 15.64 -6.78 -16.32
N LEU A 365 14.59 -5.97 -16.32
CA LEU A 365 13.26 -6.41 -15.87
C LEU A 365 12.72 -7.59 -16.66
N ILE A 366 12.96 -7.59 -17.96
CA ILE A 366 12.51 -8.69 -18.81
C ILE A 366 13.69 -9.59 -19.19
N PRO A 367 13.83 -10.72 -18.50
CA PRO A 367 14.90 -11.68 -18.81
C PRO A 367 14.69 -12.27 -20.19
N PRO A 368 15.77 -12.75 -20.83
CA PRO A 368 15.69 -13.28 -22.20
C PRO A 368 14.69 -14.43 -22.34
N HIS A 369 14.57 -15.25 -21.30
CA HIS A 369 13.68 -16.40 -21.34
C HIS A 369 12.20 -15.99 -21.25
N ALA A 370 11.96 -14.70 -21.05
CA ALA A 370 10.60 -14.19 -20.95
C ALA A 370 10.14 -13.51 -22.23
N ARG A 371 11.10 -13.14 -23.08
CA ARG A 371 10.79 -12.46 -24.33
C ARG A 371 10.24 -13.41 -25.39
N HIS A 372 10.41 -14.72 -25.16
CA HIS A 372 9.90 -15.72 -26.08
C HIS A 372 8.53 -16.22 -25.64
N VAL B 5 -0.09 22.67 14.25
CA VAL B 5 1.15 22.11 14.73
C VAL B 5 2.33 23.04 14.46
N GLU B 6 2.79 23.74 15.49
CA GLU B 6 3.93 24.63 15.36
C GLU B 6 5.23 23.83 15.29
N PRO B 7 6.13 24.22 14.38
CA PRO B 7 7.46 23.60 14.28
C PRO B 7 8.23 23.73 15.59
N GLN B 8 8.04 24.85 16.29
CA GLN B 8 8.71 25.08 17.56
C GLN B 8 8.29 24.06 18.62
N LYS B 9 6.99 23.87 18.77
CA LYS B 9 6.45 22.95 19.77
C LYS B 9 6.84 21.50 19.47
N PHE B 10 6.82 21.16 18.18
CA PHE B 10 7.16 19.80 17.74
C PHE B 10 8.64 19.50 17.97
N ALA B 11 9.50 20.42 17.56
CA ALA B 11 10.94 20.26 17.74
C ALA B 11 11.31 20.18 19.23
N GLU B 12 10.59 20.95 20.04
CA GLU B 12 10.84 20.97 21.48
C GLU B 12 10.63 19.58 22.08
N GLU B 13 9.54 18.92 21.67
CA GLU B 13 9.24 17.59 22.15
C GLU B 13 10.25 16.58 21.65
N LEU B 14 10.63 16.71 20.39
CA LEU B 14 11.59 15.78 19.78
C LEU B 14 12.97 15.89 20.43
N ILE B 15 13.42 17.12 20.63
CA ILE B 15 14.71 17.36 21.28
C ILE B 15 14.73 16.74 22.68
N HIS B 16 13.64 16.94 23.42
CA HIS B 16 13.50 16.36 24.75
C HIS B 16 13.63 14.83 24.73
N ARG B 17 12.96 14.21 23.77
CA ARG B 17 12.97 12.75 23.62
C ARG B 17 14.36 12.23 23.22
N LEU B 18 15.00 12.92 22.29
CA LEU B 18 16.30 12.50 21.79
C LEU B 18 17.39 12.60 22.85
N GLU B 19 17.30 13.62 23.70
CA GLU B 19 18.24 13.77 24.81
C GLU B 19 18.15 12.59 25.76
N ALA B 20 16.93 12.08 25.93
CA ALA B 20 16.68 10.96 26.83
C ALA B 20 17.34 9.67 26.36
N VAL B 21 17.39 9.47 25.04
CA VAL B 21 17.94 8.24 24.48
C VAL B 21 19.39 8.39 24.05
N GLN B 22 19.90 9.61 24.05
CA GLN B 22 21.26 9.89 23.63
C GLN B 22 22.28 9.28 24.59
N ARG B 23 23.29 8.62 24.03
CA ARG B 23 24.31 7.96 24.83
C ARG B 23 25.14 8.95 25.65
N PRO C 3 -5.97 7.86 9.21
CA PRO C 3 -5.98 9.30 8.91
C PRO C 3 -6.76 9.61 7.63
N PRO C 4 -7.71 10.56 7.71
CA PRO C 4 -8.57 10.93 6.58
C PRO C 4 -7.89 11.86 5.59
N PRO C 5 -8.37 11.87 4.33
CA PRO C 5 -7.87 12.78 3.29
C PRO C 5 -8.23 14.24 3.56
N PRO C 7 -10.06 17.71 3.69
CA PRO C 7 -11.43 18.21 3.81
C PRO C 7 -11.88 18.96 2.55
N ARG C 8 -13.19 19.07 2.36
CA ARG C 8 -13.74 19.75 1.18
C ARG C 8 -13.55 21.25 1.27
#